data_4E6E
#
_entry.id   4E6E
#
_cell.length_a   80.573
_cell.length_b   80.573
_cell.length_c   92.454
_cell.angle_alpha   90.00
_cell.angle_beta   90.00
_cell.angle_gamma   120.00
#
_symmetry.space_group_name_H-M   'P 32 2 1'
#
loop_
_entity.id
_entity.type
_entity.pdbx_description
1 polymer 'Cell division protein ftsZ'
2 non-polymer 'MAGNESIUM ION'
3 non-polymer 'CHLORIDE ION'
4 non-polymer 'SULFATE ION'
5 water water
#
_entity_poly.entity_id   1
_entity_poly.type   'polypeptide(L)'
_entity_poly.pdbx_seq_one_letter_code
;GVAAPQNYLAVIKVVGIGGGGVNAVNR(MSE)IEEGLKGVEFIAINTDAQALL(MSE)SDADVKLDVGRELTRGLGAGAN
PDVGRKAAEDHREEIEEVLKGAD(MSE)VFVTAGEGGGTGTGGAPVVANIARSLGALTIGVVTRPFSFEGKRRATQAEAG
IA(MSE)LREEVDTLIVIPNDRLLSISDRQVSVLDAFKAADQVLLSGVQGITDLITTPGLINLDFADVKSV(MSE)SGAG
SAL(MSE)GIGSARGDDRAVAAAE(MSE)AISSPLLEASIDGAHGVLLSIQGGSDLGLFEINEAAQLVANSAAAEANIIF
GAVIDDALGDEVRVTVIAAGFD
;
_entity_poly.pdbx_strand_id   A
#
loop_
_chem_comp.id
_chem_comp.type
_chem_comp.name
_chem_comp.formula
CL non-polymer 'CHLORIDE ION' 'Cl -1'
MG non-polymer 'MAGNESIUM ION' 'Mg 2'
SO4 non-polymer 'SULFATE ION' 'O4 S -2'
#
# COMPACT_ATOMS: atom_id res chain seq x y z
N GLY A 1 21.34 -7.09 6.97
CA GLY A 1 20.23 -7.92 7.42
C GLY A 1 20.16 -8.03 8.92
N VAL A 2 18.96 -7.76 9.51
CA VAL A 2 18.77 -7.75 10.97
C VAL A 2 17.50 -8.57 11.36
N ALA A 3 17.66 -9.41 12.41
CA ALA A 3 16.63 -10.22 13.05
C ALA A 3 16.88 -10.17 14.57
N ALA A 4 16.25 -9.20 15.28
CA ALA A 4 16.45 -9.02 16.73
C ALA A 4 15.11 -9.03 17.57
N PRO A 5 14.76 -10.16 18.25
CA PRO A 5 15.40 -11.49 18.19
C PRO A 5 14.99 -12.21 16.90
N GLN A 6 15.75 -13.23 16.46
CA GLN A 6 15.45 -13.91 15.19
C GLN A 6 14.11 -14.69 15.22
N ASN A 7 13.55 -14.99 16.44
CA ASN A 7 12.26 -15.68 16.55
C ASN A 7 11.02 -14.69 16.57
N TYR A 8 11.24 -13.34 16.47
CA TYR A 8 10.11 -12.40 16.49
C TYR A 8 9.30 -12.51 15.21
N LEU A 9 8.04 -12.88 15.37
CA LEU A 9 7.11 -13.01 14.26
C LEU A 9 6.17 -11.81 14.31
N ALA A 10 6.37 -10.87 13.38
CA ALA A 10 5.54 -9.67 13.28
C ALA A 10 4.18 -10.03 12.69
N VAL A 11 3.11 -9.45 13.22
CA VAL A 11 1.77 -9.74 12.73
C VAL A 11 1.33 -8.58 11.84
N ILE A 12 1.13 -8.87 10.54
CA ILE A 12 0.75 -7.86 9.57
C ILE A 12 -0.65 -8.13 9.03
N LYS A 13 -1.50 -7.11 9.09
CA LYS A 13 -2.88 -7.20 8.60
C LYS A 13 -3.09 -6.17 7.50
N VAL A 14 -3.74 -6.59 6.40
CA VAL A 14 -4.05 -5.72 5.28
C VAL A 14 -5.60 -5.63 5.22
N VAL A 15 -6.14 -4.46 5.52
CA VAL A 15 -7.58 -4.23 5.46
C VAL A 15 -7.93 -3.55 4.13
N GLY A 16 -8.87 -4.13 3.39
CA GLY A 16 -9.44 -3.50 2.21
C GLY A 16 -10.82 -3.01 2.61
N ILE A 17 -11.10 -1.70 2.47
CA ILE A 17 -12.41 -1.17 2.87
C ILE A 17 -13.07 -0.50 1.66
N GLY A 18 -14.28 -0.94 1.35
CA GLY A 18 -15.03 -0.46 0.20
C GLY A 18 -14.67 -1.30 -1.00
N GLY A 19 -15.30 -0.98 -2.14
CA GLY A 19 -15.13 -1.71 -3.39
C GLY A 19 -13.72 -1.84 -3.89
N GLY A 20 -13.06 -0.70 -4.10
CA GLY A 20 -11.68 -0.66 -4.59
C GLY A 20 -10.68 -1.37 -3.68
N GLY A 21 -10.88 -1.21 -2.38
CA GLY A 21 -10.02 -1.84 -1.38
C GLY A 21 -10.15 -3.33 -1.29
N VAL A 22 -11.37 -3.84 -1.33
CA VAL A 22 -11.65 -5.28 -1.26
C VAL A 22 -11.12 -5.96 -2.53
N ASN A 23 -11.27 -5.29 -3.70
CA ASN A 23 -10.77 -5.78 -5.00
C ASN A 23 -9.25 -5.86 -4.98
N ALA A 24 -8.56 -4.79 -4.48
CA ALA A 24 -7.08 -4.77 -4.37
C ALA A 24 -6.56 -5.91 -3.47
N VAL A 25 -7.25 -6.16 -2.34
CA VAL A 25 -6.91 -7.24 -1.42
C VAL A 25 -7.02 -8.61 -2.15
N ASN A 26 -8.09 -8.81 -2.95
CA ASN A 26 -8.24 -10.06 -3.70
C ASN A 26 -7.13 -10.22 -4.73
N ARG A 27 -6.64 -9.10 -5.33
CA ARG A 27 -5.54 -9.15 -6.28
C ARG A 27 -4.24 -9.61 -5.54
N MSE A 28 -4.02 -9.14 -4.31
CA MSE A 28 -2.86 -9.52 -3.48
C MSE A 28 -2.92 -11.01 -3.15
O MSE A 28 -1.88 -11.65 -3.15
CB MSE A 28 -2.80 -8.70 -2.17
CG MSE A 28 -2.85 -7.20 -2.41
SE MSE A 28 -2.77 -6.24 -0.73
CE MSE A 28 -3.43 -4.47 -1.39
N ILE A 29 -4.12 -11.52 -2.86
CA ILE A 29 -4.34 -12.95 -2.60
C ILE A 29 -4.04 -13.74 -3.88
N GLU A 30 -4.52 -13.28 -5.05
CA GLU A 30 -4.27 -13.95 -6.34
C GLU A 30 -2.78 -14.02 -6.69
N GLU A 31 -2.03 -12.94 -6.39
CA GLU A 31 -0.60 -12.81 -6.66
C GLU A 31 0.25 -13.56 -5.60
N GLY A 32 -0.42 -14.11 -4.61
CA GLY A 32 0.20 -14.88 -3.54
C GLY A 32 1.06 -14.07 -2.60
N LEU A 33 0.60 -12.86 -2.21
CA LEU A 33 1.33 -12.01 -1.26
C LEU A 33 1.40 -12.78 0.07
N LYS A 34 2.62 -13.02 0.60
CA LYS A 34 2.81 -13.83 1.81
C LYS A 34 3.06 -13.03 3.10
N GLY A 35 2.89 -13.71 4.23
CA GLY A 35 3.18 -13.20 5.57
C GLY A 35 2.22 -12.18 6.12
N VAL A 36 1.04 -12.02 5.48
CA VAL A 36 0.04 -11.05 5.93
C VAL A 36 -1.35 -11.69 6.05
N GLU A 37 -2.17 -11.17 6.98
CA GLU A 37 -3.58 -11.53 7.13
C GLU A 37 -4.41 -10.55 6.28
N PHE A 38 -5.39 -11.08 5.52
CA PHE A 38 -6.26 -10.28 4.66
C PHE A 38 -7.64 -10.10 5.24
N ILE A 39 -8.09 -8.86 5.30
CA ILE A 39 -9.40 -8.50 5.85
C ILE A 39 -10.14 -7.64 4.83
N ALA A 40 -11.38 -8.01 4.55
CA ALA A 40 -12.26 -7.30 3.61
C ALA A 40 -13.43 -6.66 4.40
N ILE A 41 -13.63 -5.36 4.22
CA ILE A 41 -14.73 -4.64 4.90
C ILE A 41 -15.59 -3.92 3.86
N ASN A 42 -16.91 -4.10 3.96
CA ASN A 42 -17.83 -3.43 3.08
C ASN A 42 -19.18 -3.28 3.76
N THR A 43 -19.98 -2.30 3.32
CA THR A 43 -21.34 -2.06 3.80
C THR A 43 -22.33 -2.91 2.98
N ASP A 44 -21.92 -3.28 1.77
CA ASP A 44 -22.71 -4.09 0.84
C ASP A 44 -22.32 -5.57 0.98
N ALA A 45 -23.19 -6.38 1.64
CA ALA A 45 -22.93 -7.80 1.92
C ALA A 45 -22.69 -8.60 0.62
N GLN A 46 -23.48 -8.34 -0.44
CA GLN A 46 -23.35 -9.00 -1.75
C GLN A 46 -21.96 -8.76 -2.39
N ALA A 47 -21.39 -7.56 -2.16
CA ALA A 47 -20.06 -7.21 -2.69
C ALA A 47 -18.95 -7.95 -1.92
N LEU A 48 -19.28 -8.62 -0.79
CA LEU A 48 -18.27 -9.36 0.00
C LEU A 48 -18.20 -10.84 -0.36
N LEU A 49 -19.23 -11.40 -1.00
CA LEU A 49 -19.27 -12.84 -1.30
C LEU A 49 -18.08 -13.36 -2.15
N MSE A 50 -17.61 -12.58 -3.13
CA MSE A 50 -16.50 -13.08 -3.95
C MSE A 50 -15.13 -12.80 -3.32
O MSE A 50 -14.12 -13.29 -3.80
CB MSE A 50 -16.56 -12.53 -5.38
CG MSE A 50 -17.83 -12.98 -6.08
SE MSE A 50 -17.79 -12.69 -7.95
CE MSE A 50 -17.80 -10.76 -7.96
N SER A 51 -15.10 -12.12 -2.19
CA SER A 51 -13.83 -11.87 -1.51
C SER A 51 -13.25 -13.16 -0.98
N ASP A 52 -11.94 -13.35 -1.21
CA ASP A 52 -11.27 -14.53 -0.71
C ASP A 52 -10.46 -14.17 0.53
N ALA A 53 -10.76 -13.02 1.16
CA ALA A 53 -10.04 -12.56 2.37
C ALA A 53 -10.24 -13.55 3.49
N ASP A 54 -9.30 -13.59 4.45
CA ASP A 54 -9.36 -14.47 5.61
C ASP A 54 -10.57 -14.14 6.48
N VAL A 55 -10.84 -12.84 6.65
CA VAL A 55 -11.91 -12.29 7.47
C VAL A 55 -12.69 -11.29 6.61
N LYS A 56 -14.02 -11.42 6.60
CA LYS A 56 -14.91 -10.53 5.88
C LYS A 56 -15.82 -9.87 6.90
N LEU A 57 -15.91 -8.53 6.89
CA LEU A 57 -16.82 -7.85 7.79
C LEU A 57 -17.86 -7.06 7.06
N ASP A 58 -19.15 -7.37 7.28
CA ASP A 58 -20.26 -6.57 6.76
C ASP A 58 -20.55 -5.50 7.81
N VAL A 59 -20.20 -4.22 7.50
CA VAL A 59 -20.43 -3.14 8.46
C VAL A 59 -21.72 -2.35 8.07
N GLY A 60 -22.51 -2.92 7.17
CA GLY A 60 -23.80 -2.36 6.75
C GLY A 60 -24.88 -2.60 7.80
N ARG A 61 -26.11 -2.20 7.48
CA ARG A 61 -27.24 -2.34 8.41
C ARG A 61 -27.86 -3.75 8.36
N GLU A 62 -28.60 -4.12 9.41
CA GLU A 62 -29.35 -5.38 9.43
C GLU A 62 -30.60 -5.22 8.53
N LEU A 63 -30.99 -6.30 7.80
CA LEU A 63 -32.15 -6.38 6.88
C LEU A 63 -32.10 -5.36 5.71
N THR A 64 -30.88 -4.99 5.23
CA THR A 64 -30.67 -4.03 4.11
C THR A 64 -29.21 -4.07 3.60
N ARG A 65 -29.03 -3.67 2.31
CA ARG A 65 -27.76 -3.55 1.57
C ARG A 65 -27.45 -2.07 1.22
N GLY A 66 -26.16 -1.77 1.00
CA GLY A 66 -25.66 -0.45 0.64
C GLY A 66 -25.83 0.62 1.70
N ALA A 71 -22.69 5.45 -1.50
CA ALA A 71 -22.40 6.66 -2.26
C ALA A 71 -21.89 7.83 -1.38
N ASN A 72 -22.51 8.04 -0.19
CA ASN A 72 -22.19 9.14 0.72
C ASN A 72 -21.11 8.75 1.74
N PRO A 73 -19.98 9.51 1.81
CA PRO A 73 -18.90 9.16 2.76
C PRO A 73 -19.32 9.20 4.23
N ASP A 74 -20.33 10.04 4.61
CA ASP A 74 -20.80 10.15 5.99
CA ASP A 74 -20.77 10.13 6.01
C ASP A 74 -21.46 8.83 6.43
N VAL A 75 -22.14 8.14 5.49
CA VAL A 75 -22.80 6.84 5.71
C VAL A 75 -21.70 5.80 5.99
N GLY A 76 -20.61 5.87 5.20
CA GLY A 76 -19.43 5.02 5.34
C GLY A 76 -18.75 5.18 6.67
N ARG A 77 -18.58 6.45 7.09
CA ARG A 77 -18.00 6.81 8.37
C ARG A 77 -18.86 6.25 9.51
N LYS A 78 -20.19 6.51 9.48
CA LYS A 78 -21.11 6.04 10.50
C LYS A 78 -21.15 4.49 10.58
N ALA A 79 -21.13 3.81 9.42
CA ALA A 79 -21.15 2.34 9.38
C ALA A 79 -19.92 1.74 10.10
N ALA A 80 -18.74 2.29 9.86
CA ALA A 80 -17.49 1.82 10.48
C ALA A 80 -17.47 2.15 11.98
N GLU A 81 -17.92 3.37 12.38
CA GLU A 81 -17.94 3.75 13.78
C GLU A 81 -18.89 2.86 14.57
N ASP A 82 -20.02 2.46 13.96
CA ASP A 82 -21.03 1.58 14.59
C ASP A 82 -20.54 0.13 14.71
N HIS A 83 -19.43 -0.21 14.04
CA HIS A 83 -18.84 -1.54 14.06
C HIS A 83 -17.40 -1.48 14.60
N ARG A 84 -17.11 -0.43 15.38
CA ARG A 84 -15.80 -0.20 15.98
C ARG A 84 -15.30 -1.43 16.79
N GLU A 85 -16.13 -2.01 17.65
CA GLU A 85 -15.78 -3.17 18.48
C GLU A 85 -15.45 -4.40 17.58
N GLU A 86 -16.24 -4.60 16.51
CA GLU A 86 -16.06 -5.69 15.53
C GLU A 86 -14.74 -5.53 14.75
N ILE A 87 -14.40 -4.29 14.36
CA ILE A 87 -13.17 -3.98 13.62
C ILE A 87 -11.98 -4.17 14.55
N GLU A 88 -12.12 -3.67 15.80
CA GLU A 88 -11.12 -3.79 16.83
C GLU A 88 -10.72 -5.26 17.11
N GLU A 89 -11.70 -6.17 17.20
CA GLU A 89 -11.37 -7.57 17.49
C GLU A 89 -10.65 -8.27 16.31
N VAL A 90 -10.85 -7.81 15.06
CA VAL A 90 -10.15 -8.44 13.94
C VAL A 90 -8.73 -7.84 13.77
N LEU A 91 -8.49 -6.62 14.27
CA LEU A 91 -7.16 -5.98 14.18
C LEU A 91 -6.26 -6.30 15.40
N LYS A 92 -6.87 -6.73 16.52
CA LYS A 92 -6.16 -7.07 17.75
C LYS A 92 -5.03 -8.07 17.49
N GLY A 93 -3.83 -7.72 17.94
CA GLY A 93 -2.63 -8.53 17.79
C GLY A 93 -1.69 -8.09 16.68
N ALA A 94 -2.09 -7.10 15.88
CA ALA A 94 -1.25 -6.65 14.77
C ALA A 94 -0.13 -5.75 15.25
N ASP A 95 1.06 -5.95 14.68
CA ASP A 95 2.20 -5.04 14.83
C ASP A 95 2.00 -3.91 13.84
N MSE A 96 1.46 -4.27 12.66
CA MSE A 96 1.29 -3.37 11.55
C MSE A 96 -0.02 -3.61 10.83
O MSE A 96 -0.40 -4.75 10.57
CB MSE A 96 2.50 -3.57 10.61
CG MSE A 96 2.50 -2.72 9.38
SE MSE A 96 4.16 -2.93 8.33
CE MSE A 96 4.73 -4.51 8.86
N VAL A 97 -0.70 -2.52 10.48
CA VAL A 97 -1.97 -2.55 9.74
C VAL A 97 -1.90 -1.66 8.51
N PHE A 98 -2.24 -2.20 7.33
CA PHE A 98 -2.41 -1.42 6.09
C PHE A 98 -3.88 -1.14 5.90
N VAL A 99 -4.24 0.09 5.60
CA VAL A 99 -5.63 0.44 5.31
C VAL A 99 -5.65 0.79 3.82
N THR A 100 -6.36 0.01 3.02
CA THR A 100 -6.39 0.25 1.58
C THR A 100 -7.81 0.51 1.09
N ALA A 101 -7.93 1.45 0.17
CA ALA A 101 -9.21 1.86 -0.39
C ALA A 101 -9.03 2.59 -1.71
N GLY A 102 -10.10 2.63 -2.48
CA GLY A 102 -10.19 3.42 -3.69
C GLY A 102 -10.99 4.63 -3.24
N GLU A 103 -10.32 5.75 -2.97
CA GLU A 103 -11.01 6.97 -2.50
C GLU A 103 -11.99 7.50 -3.56
N GLY A 104 -13.10 8.07 -3.11
CA GLY A 104 -14.14 8.61 -3.97
C GLY A 104 -15.56 8.10 -3.74
N GLY A 105 -15.70 6.83 -3.32
CA GLY A 105 -16.99 6.22 -3.01
C GLY A 105 -17.48 6.58 -1.62
N GLY A 106 -18.45 5.84 -1.12
CA GLY A 106 -18.95 6.08 0.24
C GLY A 106 -18.21 5.34 1.33
N THR A 107 -18.14 3.99 1.20
CA THR A 107 -17.57 3.08 2.21
C THR A 107 -16.07 3.30 2.45
N GLY A 108 -15.28 3.31 1.39
CA GLY A 108 -13.85 3.51 1.46
C GLY A 108 -13.47 4.88 1.98
N THR A 109 -14.01 5.95 1.33
CA THR A 109 -13.77 7.36 1.71
C THR A 109 -14.04 7.64 3.20
N GLY A 110 -15.26 7.34 3.64
CA GLY A 110 -15.69 7.58 5.01
C GLY A 110 -15.20 6.56 6.02
N GLY A 111 -15.13 5.29 5.63
CA GLY A 111 -14.72 4.21 6.52
C GLY A 111 -13.24 4.07 6.84
N ALA A 112 -12.35 4.32 5.85
CA ALA A 112 -10.90 4.16 6.06
C ALA A 112 -10.38 4.98 7.25
N PRO A 113 -10.75 6.28 7.47
CA PRO A 113 -10.23 7.01 8.65
C PRO A 113 -10.59 6.34 9.98
N VAL A 114 -11.77 5.70 10.08
CA VAL A 114 -12.22 4.99 11.29
C VAL A 114 -11.35 3.73 11.48
N VAL A 115 -11.06 2.97 10.41
CA VAL A 115 -10.22 1.76 10.49
C VAL A 115 -8.83 2.16 10.97
N ALA A 116 -8.26 3.24 10.40
CA ALA A 116 -6.94 3.75 10.72
C ALA A 116 -6.86 4.16 12.20
N ASN A 117 -7.92 4.83 12.70
CA ASN A 117 -8.02 5.28 14.08
C ASN A 117 -8.04 4.05 15.02
N ILE A 118 -8.76 2.97 14.63
CA ILE A 118 -8.83 1.76 15.45
C ILE A 118 -7.45 1.08 15.48
N ALA A 119 -6.77 0.99 14.31
CA ALA A 119 -5.44 0.36 14.25
C ALA A 119 -4.42 1.07 15.17
N ARG A 120 -4.44 2.41 15.17
CA ARG A 120 -3.53 3.23 15.95
C ARG A 120 -3.84 3.11 17.45
N SER A 121 -5.14 2.99 17.85
CA SER A 121 -5.52 2.82 19.26
C SER A 121 -5.01 1.45 19.81
N LEU A 122 -4.57 0.55 18.91
CA LEU A 122 -4.01 -0.76 19.23
C LEU A 122 -2.50 -0.72 19.07
N GLY A 123 -1.96 0.47 18.82
CA GLY A 123 -0.53 0.69 18.70
C GLY A 123 0.13 0.08 17.50
N ALA A 124 -0.64 -0.24 16.46
CA ALA A 124 -0.06 -0.77 15.25
C ALA A 124 0.55 0.36 14.42
N LEU A 125 1.67 0.07 13.70
CA LEU A 125 2.21 0.98 12.68
C LEU A 125 1.12 0.95 11.60
N THR A 126 0.48 2.10 11.32
CA THR A 126 -0.69 2.17 10.44
C THR A 126 -0.36 2.91 9.15
N ILE A 127 -0.44 2.16 8.05
CA ILE A 127 -0.10 2.65 6.72
C ILE A 127 -1.32 2.65 5.80
N GLY A 128 -1.64 3.82 5.27
CA GLY A 128 -2.72 3.98 4.30
C GLY A 128 -2.16 3.89 2.91
N VAL A 129 -2.82 3.09 2.04
CA VAL A 129 -2.45 2.97 0.63
C VAL A 129 -3.73 3.16 -0.12
N VAL A 130 -3.89 4.32 -0.73
CA VAL A 130 -5.13 4.66 -1.43
C VAL A 130 -4.85 5.19 -2.82
N THR A 131 -5.90 5.15 -3.64
CA THR A 131 -5.87 5.73 -4.98
C THR A 131 -6.80 6.93 -5.03
N ARG A 132 -6.42 7.91 -5.86
CA ARG A 132 -7.26 9.04 -6.28
C ARG A 132 -8.04 8.52 -7.47
N PRO A 133 -9.36 8.79 -7.62
CA PRO A 133 -10.10 8.20 -8.75
C PRO A 133 -9.63 8.63 -10.13
N PHE A 134 -9.94 7.83 -11.18
CA PHE A 134 -9.70 8.22 -12.56
C PHE A 134 -10.54 9.42 -12.89
N SER A 135 -10.07 10.24 -13.82
CA SER A 135 -10.79 11.41 -14.30
C SER A 135 -12.12 11.01 -14.86
N PHE A 136 -12.20 9.84 -15.54
CA PHE A 136 -13.49 9.42 -16.14
C PHE A 136 -14.52 9.09 -15.05
N GLU A 137 -14.10 8.96 -13.77
CA GLU A 137 -15.06 8.70 -12.69
C GLU A 137 -15.82 10.01 -12.33
N GLY A 138 -15.34 11.16 -12.80
CA GLY A 138 -16.03 12.43 -12.62
C GLY A 138 -15.61 13.30 -11.45
N LYS A 139 -16.20 14.50 -11.42
CA LYS A 139 -15.92 15.56 -10.46
C LYS A 139 -16.36 15.26 -8.98
N ARG A 140 -17.61 14.79 -8.76
CA ARG A 140 -18.11 14.51 -7.41
CA ARG A 140 -18.12 14.49 -7.42
C ARG A 140 -17.19 13.52 -6.68
N ARG A 141 -16.81 12.40 -7.36
CA ARG A 141 -15.92 11.38 -6.80
CA ARG A 141 -15.93 11.38 -6.79
C ARG A 141 -14.55 11.97 -6.49
N ALA A 142 -14.02 12.83 -7.39
CA ALA A 142 -12.72 13.46 -7.18
C ALA A 142 -12.79 14.40 -5.95
N THR A 143 -13.91 15.13 -5.78
CA THR A 143 -14.16 16.06 -4.66
C THR A 143 -14.22 15.23 -3.34
N GLN A 144 -15.03 14.16 -3.33
CA GLN A 144 -15.20 13.27 -2.16
C GLN A 144 -13.88 12.59 -1.81
N ALA A 145 -13.11 12.18 -2.83
CA ALA A 145 -11.80 11.54 -2.58
C ALA A 145 -10.85 12.49 -1.88
N GLU A 146 -10.81 13.76 -2.27
CA GLU A 146 -9.92 14.77 -1.69
C GLU A 146 -10.23 15.02 -0.21
N ALA A 147 -11.52 15.11 0.16
CA ALA A 147 -11.95 15.28 1.55
C ALA A 147 -11.64 14.01 2.35
N GLY A 148 -11.74 12.84 1.69
CA GLY A 148 -11.49 11.53 2.29
C GLY A 148 -10.03 11.29 2.62
N ILE A 149 -9.13 11.77 1.74
CA ILE A 149 -7.68 11.69 1.91
C ILE A 149 -7.25 12.63 3.05
N ALA A 150 -7.79 13.88 3.09
CA ALA A 150 -7.47 14.85 4.15
C ALA A 150 -7.79 14.22 5.54
N MSE A 151 -8.92 13.51 5.65
CA MSE A 151 -9.39 12.83 6.86
C MSE A 151 -8.48 11.66 7.24
O MSE A 151 -8.15 11.50 8.40
CB MSE A 151 -10.82 12.32 6.69
CG MSE A 151 -11.90 13.40 6.68
SE MSE A 151 -12.04 14.37 8.38
CE MSE A 151 -12.71 12.90 9.54
N LEU A 152 -8.11 10.83 6.26
CA LEU A 152 -7.28 9.65 6.49
C LEU A 152 -5.83 10.03 6.86
N ARG A 153 -5.28 11.13 6.29
CA ARG A 153 -3.91 11.62 6.59
C ARG A 153 -3.71 11.84 8.10
N GLU A 154 -4.77 12.33 8.78
CA GLU A 154 -4.74 12.62 10.22
C GLU A 154 -4.84 11.36 11.09
N GLU A 155 -5.21 10.19 10.52
CA GLU A 155 -5.41 8.97 11.31
C GLU A 155 -4.36 7.87 11.06
N VAL A 156 -3.44 8.08 10.10
CA VAL A 156 -2.42 7.08 9.77
C VAL A 156 -1.02 7.58 10.18
N ASP A 157 -0.04 6.66 10.27
CA ASP A 157 1.37 7.00 10.47
C ASP A 157 1.91 7.60 9.17
N THR A 158 1.69 6.88 8.06
CA THR A 158 2.09 7.24 6.71
C THR A 158 0.90 6.99 5.77
N LEU A 159 0.71 7.90 4.80
CA LEU A 159 -0.35 7.76 3.80
C LEU A 159 0.26 7.80 2.40
N ILE A 160 0.23 6.68 1.68
CA ILE A 160 0.68 6.64 0.27
C ILE A 160 -0.54 6.94 -0.56
N VAL A 161 -0.50 8.01 -1.37
CA VAL A 161 -1.59 8.39 -2.27
C VAL A 161 -1.10 8.16 -3.72
N ILE A 162 -1.85 7.35 -4.48
CA ILE A 162 -1.51 7.01 -5.86
C ILE A 162 -2.58 7.59 -6.79
N PRO A 163 -2.22 8.49 -7.72
CA PRO A 163 -3.24 9.01 -8.63
C PRO A 163 -3.51 8.01 -9.76
N ASN A 164 -4.77 7.51 -9.86
CA ASN A 164 -5.16 6.58 -10.92
C ASN A 164 -4.98 7.19 -12.32
N ASP A 165 -5.10 8.52 -12.45
CA ASP A 165 -4.89 9.22 -13.72
C ASP A 165 -3.47 9.11 -14.27
N ARG A 166 -2.47 8.86 -13.41
CA ARG A 166 -1.09 8.77 -13.88
C ARG A 166 -0.72 7.32 -14.27
N LEU A 167 -1.69 6.40 -14.18
CA LEU A 167 -1.54 4.97 -14.52
C LEU A 167 -1.76 4.75 -16.03
N LEU A 168 -2.88 5.25 -16.57
CA LEU A 168 -3.27 5.12 -17.98
C LEU A 168 -2.51 6.10 -18.87
N ASP A 172 0.91 5.64 -26.04
CA ASP A 172 -0.36 5.69 -25.33
C ASP A 172 -1.52 5.18 -26.21
N ARG A 173 -2.10 4.02 -25.83
CA ARG A 173 -3.22 3.34 -26.49
C ARG A 173 -4.42 3.26 -25.54
N GLN A 174 -5.66 3.29 -26.08
CA GLN A 174 -6.91 3.24 -25.31
C GLN A 174 -7.07 1.89 -24.58
N VAL A 175 -7.34 1.98 -23.27
CA VAL A 175 -7.57 0.81 -22.41
C VAL A 175 -9.01 0.86 -21.91
N SER A 176 -9.63 -0.32 -21.78
CA SER A 176 -11.01 -0.43 -21.28
C SER A 176 -11.10 0.00 -19.80
N VAL A 177 -12.32 0.26 -19.31
CA VAL A 177 -12.58 0.60 -17.89
C VAL A 177 -12.12 -0.60 -17.01
N LEU A 178 -12.35 -1.83 -17.52
CA LEU A 178 -11.95 -3.06 -16.83
C LEU A 178 -10.43 -3.09 -16.66
N ASP A 179 -9.66 -2.79 -17.74
CA ASP A 179 -8.18 -2.76 -17.69
C ASP A 179 -7.68 -1.68 -16.77
N ALA A 180 -8.32 -0.49 -16.79
CA ALA A 180 -7.98 0.64 -15.91
C ALA A 180 -8.13 0.22 -14.43
N PHE A 181 -9.25 -0.45 -14.08
CA PHE A 181 -9.45 -0.88 -12.69
C PHE A 181 -8.53 -2.05 -12.29
N LYS A 182 -8.10 -2.88 -13.25
CA LYS A 182 -7.15 -3.97 -13.00
C LYS A 182 -5.79 -3.37 -12.64
N ALA A 183 -5.42 -2.26 -13.32
CA ALA A 183 -4.16 -1.55 -13.11
C ALA A 183 -4.18 -0.84 -11.77
N ALA A 184 -5.36 -0.36 -11.32
CA ALA A 184 -5.48 0.30 -10.02
C ALA A 184 -5.27 -0.70 -8.88
N ASP A 185 -5.80 -1.96 -9.01
CA ASP A 185 -5.61 -3.06 -8.05
C ASP A 185 -4.14 -3.40 -7.93
N GLN A 186 -3.47 -3.49 -9.08
CA GLN A 186 -2.06 -3.86 -9.21
C GLN A 186 -1.14 -2.84 -8.48
N VAL A 187 -1.46 -1.53 -8.58
CA VAL A 187 -0.66 -0.46 -7.98
C VAL A 187 -0.83 -0.46 -6.45
N LEU A 188 -2.06 -0.74 -5.95
CA LEU A 188 -2.28 -0.84 -4.49
C LEU A 188 -1.52 -2.06 -3.96
N LEU A 189 -1.44 -3.16 -4.76
CA LEU A 189 -0.66 -4.35 -4.35
C LEU A 189 0.84 -3.98 -4.27
N SER A 190 1.35 -3.22 -5.24
CA SER A 190 2.75 -2.75 -5.29
C SER A 190 3.11 -1.91 -4.06
N GLY A 191 2.18 -1.04 -3.63
CA GLY A 191 2.34 -0.23 -2.42
C GLY A 191 2.47 -1.06 -1.16
N VAL A 192 1.70 -2.15 -1.05
CA VAL A 192 1.73 -2.99 0.15
C VAL A 192 2.93 -3.95 0.09
N GLN A 193 3.05 -4.70 -1.01
CA GLN A 193 4.12 -5.68 -1.22
C GLN A 193 5.52 -5.07 -1.14
N GLY A 194 5.66 -3.82 -1.61
CA GLY A 194 6.94 -3.10 -1.56
C GLY A 194 7.53 -3.10 -0.16
N ILE A 195 6.67 -2.90 0.85
CA ILE A 195 7.04 -2.87 2.26
C ILE A 195 7.08 -4.28 2.87
N THR A 196 5.94 -5.01 2.84
CA THR A 196 5.81 -6.32 3.50
C THR A 196 6.83 -7.36 3.06
N ASP A 197 7.15 -7.47 1.76
CA ASP A 197 8.09 -8.51 1.29
C ASP A 197 9.49 -8.36 1.91
N LEU A 198 9.83 -7.17 2.38
CA LEU A 198 11.13 -6.90 2.98
C LEU A 198 11.21 -7.24 4.47
N ILE A 199 10.06 -7.28 5.19
CA ILE A 199 10.09 -7.46 6.63
C ILE A 199 10.58 -8.86 7.04
N THR A 200 11.72 -8.89 7.82
CA THR A 200 12.37 -10.08 8.40
C THR A 200 11.32 -11.01 9.02
N THR A 201 11.41 -12.30 8.67
CA THR A 201 10.55 -13.37 9.18
C THR A 201 11.50 -14.44 9.78
N PRO A 202 11.08 -15.23 10.82
CA PRO A 202 11.98 -16.24 11.42
C PRO A 202 12.67 -17.22 10.42
N GLY A 203 12.16 -17.33 9.19
CA GLY A 203 12.73 -18.17 8.15
C GLY A 203 13.57 -17.45 7.10
N LEU A 204 13.48 -16.10 7.04
CA LEU A 204 14.18 -15.26 6.05
C LEU A 204 14.54 -13.87 6.67
N ILE A 205 15.84 -13.68 7.00
CA ILE A 205 16.37 -12.45 7.60
C ILE A 205 16.65 -11.39 6.51
N ASN A 206 16.00 -10.20 6.65
CA ASN A 206 16.14 -9.08 5.72
C ASN A 206 16.07 -7.74 6.52
N LEU A 207 15.02 -6.90 6.29
CA LEU A 207 14.80 -5.61 6.95
C LEU A 207 13.99 -5.81 8.25
N ASP A 208 14.52 -5.38 9.41
CA ASP A 208 13.81 -5.52 10.69
C ASP A 208 12.56 -4.62 10.73
N PHE A 209 11.48 -5.08 11.42
CA PHE A 209 10.23 -4.32 11.56
C PHE A 209 10.48 -2.95 12.22
N ALA A 210 11.45 -2.87 13.17
CA ALA A 210 11.87 -1.63 13.86
C ALA A 210 12.42 -0.60 12.86
N ASP A 211 13.13 -1.04 11.81
CA ASP A 211 13.70 -0.16 10.79
C ASP A 211 12.62 0.47 9.92
N VAL A 212 11.58 -0.33 9.56
CA VAL A 212 10.43 0.14 8.77
C VAL A 212 9.65 1.15 9.60
N LYS A 213 9.44 0.81 10.88
CA LYS A 213 8.73 1.64 11.86
C LYS A 213 9.42 3.00 12.05
N SER A 214 10.76 3.02 12.11
CA SER A 214 11.55 4.25 12.29
C SER A 214 11.39 5.23 11.09
N VAL A 215 11.13 4.70 9.89
CA VAL A 215 10.95 5.52 8.70
C VAL A 215 9.46 5.91 8.52
N MSE A 216 8.54 4.96 8.71
CA MSE A 216 7.10 5.14 8.47
C MSE A 216 6.30 5.76 9.64
O MSE A 216 5.24 6.33 9.39
CB MSE A 216 6.45 3.79 8.09
CG MSE A 216 6.99 3.18 6.80
SE MSE A 216 6.76 4.33 5.22
CE MSE A 216 7.53 3.12 3.88
N SER A 217 6.77 5.61 10.90
CA SER A 217 6.04 6.11 12.09
C SER A 217 5.92 7.64 12.09
N GLY A 218 4.68 8.13 12.16
CA GLY A 218 4.37 9.55 12.12
C GLY A 218 5.01 10.35 11.00
N ALA A 219 5.37 9.69 9.87
CA ALA A 219 6.06 10.32 8.73
C ALA A 219 5.13 11.30 8.00
N GLY A 220 3.86 10.93 7.84
CA GLY A 220 2.88 11.81 7.19
C GLY A 220 2.54 11.37 5.78
N SER A 221 2.75 12.25 4.80
CA SER A 221 2.46 11.95 3.40
C SER A 221 3.60 11.18 2.74
N ALA A 222 3.26 10.29 1.81
CA ALA A 222 4.23 9.49 1.09
C ALA A 222 3.85 9.34 -0.37
N LEU A 223 4.86 9.25 -1.22
CA LEU A 223 4.72 9.05 -2.65
C LEU A 223 5.44 7.79 -3.07
N MSE A 224 4.94 7.13 -4.10
CA MSE A 224 5.53 5.90 -4.59
C MSE A 224 5.92 5.98 -6.05
O MSE A 224 5.23 6.57 -6.86
CB MSE A 224 4.53 4.76 -4.41
CG MSE A 224 5.12 3.40 -4.69
SE MSE A 224 3.78 1.99 -4.59
CE MSE A 224 2.47 2.73 -5.71
N GLY A 225 7.01 5.30 -6.37
CA GLY A 225 7.53 5.14 -7.71
C GLY A 225 7.81 3.68 -7.98
N ILE A 226 7.45 3.20 -9.18
CA ILE A 226 7.63 1.82 -9.62
C ILE A 226 8.40 1.82 -10.95
N GLY A 227 9.30 0.84 -11.09
CA GLY A 227 10.10 0.65 -12.30
C GLY A 227 10.43 -0.81 -12.56
N SER A 228 10.61 -1.18 -13.84
CA SER A 228 10.98 -2.55 -14.21
C SER A 228 11.83 -2.54 -15.47
N ALA A 229 12.87 -3.39 -15.50
CA ALA A 229 13.76 -3.49 -16.63
C ALA A 229 14.36 -4.89 -16.80
N ARG A 230 14.91 -5.14 -17.99
CA ARG A 230 15.60 -6.37 -18.39
C ARG A 230 16.94 -5.97 -19.03
N GLY A 231 17.81 -6.94 -19.29
CA GLY A 231 19.09 -6.69 -19.93
C GLY A 231 20.26 -6.46 -19.00
N ASP A 232 21.30 -5.78 -19.55
CA ASP A 232 22.58 -5.48 -18.91
C ASP A 232 22.46 -4.63 -17.63
N ASP A 233 21.89 -3.41 -17.74
CA ASP A 233 21.76 -2.50 -16.60
C ASP A 233 20.33 -2.53 -16.04
N ARG A 234 19.69 -3.72 -16.04
CA ARG A 234 18.32 -3.94 -15.57
C ARG A 234 18.04 -3.35 -14.17
N ALA A 235 19.01 -3.39 -13.23
CA ALA A 235 18.81 -2.88 -11.87
C ALA A 235 18.82 -1.34 -11.82
N VAL A 236 19.79 -0.71 -12.50
CA VAL A 236 19.95 0.75 -12.57
C VAL A 236 18.79 1.37 -13.38
N ALA A 237 18.44 0.75 -14.53
CA ALA A 237 17.37 1.20 -15.41
C ALA A 237 16.01 1.10 -14.72
N ALA A 238 15.78 0.02 -13.94
CA ALA A 238 14.54 -0.14 -13.17
C ALA A 238 14.44 0.94 -12.10
N ALA A 239 15.54 1.19 -11.36
CA ALA A 239 15.65 2.22 -10.32
C ALA A 239 15.45 3.63 -10.92
N GLU A 240 16.06 3.91 -12.10
CA GLU A 240 15.94 5.19 -12.84
C GLU A 240 14.47 5.45 -13.16
N MSE A 241 13.76 4.43 -13.67
CA MSE A 241 12.36 4.47 -14.03
C MSE A 241 11.47 4.74 -12.82
O MSE A 241 10.49 5.49 -12.95
CB MSE A 241 11.93 3.15 -14.69
CG MSE A 241 10.77 3.33 -15.65
SE MSE A 241 9.89 1.67 -16.07
CE MSE A 241 8.16 1.99 -15.18
N ALA A 242 11.80 4.15 -11.66
CA ALA A 242 11.04 4.32 -10.43
C ALA A 242 11.20 5.72 -9.83
N ILE A 243 12.43 6.27 -9.82
CA ILE A 243 12.66 7.61 -9.26
C ILE A 243 12.18 8.72 -10.22
N SER A 244 11.83 8.38 -11.48
CA SER A 244 11.31 9.33 -12.47
C SER A 244 9.82 9.03 -12.80
N SER A 245 9.23 8.00 -12.14
CA SER A 245 7.84 7.55 -12.30
C SER A 245 6.84 8.70 -12.14
N PRO A 246 5.78 8.76 -12.99
CA PRO A 246 4.77 9.84 -12.87
C PRO A 246 4.08 9.87 -11.49
N LEU A 247 3.87 8.69 -10.88
CA LEU A 247 3.24 8.54 -9.55
C LEU A 247 4.07 9.21 -8.43
N LEU A 248 5.43 9.25 -8.57
CA LEU A 248 6.36 9.81 -7.58
C LEU A 248 6.66 11.30 -7.84
N GLU A 249 6.39 11.80 -9.08
CA GLU A 249 6.57 13.17 -9.57
C GLU A 249 7.84 13.89 -8.99
N ALA A 250 8.99 13.14 -8.93
CA ALA A 250 10.35 13.53 -8.51
C ALA A 250 10.38 14.49 -7.28
N SER A 251 9.99 13.99 -6.09
CA SER A 251 9.96 14.78 -4.86
C SER A 251 10.91 14.22 -3.79
N ILE A 252 11.54 13.06 -4.10
CA ILE A 252 12.50 12.26 -3.32
C ILE A 252 13.51 13.13 -2.51
N ASP A 253 13.99 14.27 -3.09
CA ASP A 253 14.92 15.20 -2.44
C ASP A 253 14.32 15.86 -1.17
N GLY A 254 12.99 15.94 -1.10
CA GLY A 254 12.28 16.52 0.04
C GLY A 254 11.97 15.56 1.18
N ALA A 255 11.99 14.24 0.88
CA ALA A 255 11.66 13.20 1.84
C ALA A 255 12.69 13.04 2.97
N HIS A 256 12.18 12.88 4.21
CA HIS A 256 12.93 12.63 5.45
C HIS A 256 13.38 11.17 5.49
N GLY A 257 12.62 10.31 4.83
CA GLY A 257 12.85 8.87 4.76
C GLY A 257 12.50 8.27 3.42
N VAL A 258 13.31 7.30 2.97
CA VAL A 258 13.11 6.60 1.71
C VAL A 258 13.27 5.10 1.94
N LEU A 259 12.26 4.33 1.50
CA LEU A 259 12.26 2.89 1.50
C LEU A 259 12.47 2.42 0.05
N LEU A 260 13.43 1.53 -0.17
CA LEU A 260 13.71 0.98 -1.49
C LEU A 260 13.54 -0.52 -1.47
N SER A 261 12.72 -1.02 -2.38
CA SER A 261 12.48 -2.45 -2.50
C SER A 261 12.97 -2.91 -3.89
N ILE A 262 13.93 -3.82 -3.91
CA ILE A 262 14.46 -4.37 -5.16
C ILE A 262 14.01 -5.84 -5.24
N GLN A 263 13.34 -6.20 -6.33
CA GLN A 263 12.83 -7.56 -6.57
CA GLN A 263 12.85 -7.56 -6.55
C GLN A 263 13.44 -8.09 -7.87
N GLY A 264 14.05 -9.27 -7.80
CA GLY A 264 14.67 -9.88 -8.97
C GLY A 264 14.55 -11.40 -9.01
N GLY A 265 15.08 -11.98 -10.08
CA GLY A 265 15.09 -13.42 -10.29
C GLY A 265 16.12 -14.13 -9.43
N SER A 266 16.29 -15.44 -9.64
CA SER A 266 17.24 -16.28 -8.88
C SER A 266 18.71 -15.87 -9.10
N ASP A 267 19.01 -15.18 -10.22
CA ASP A 267 20.35 -14.74 -10.59
C ASP A 267 20.67 -13.30 -10.11
N LEU A 268 19.84 -12.74 -9.21
CA LEU A 268 20.05 -11.39 -8.68
C LEU A 268 21.34 -11.33 -7.86
N GLY A 269 22.26 -10.49 -8.31
CA GLY A 269 23.57 -10.32 -7.69
C GLY A 269 23.68 -9.10 -6.79
N LEU A 270 24.57 -9.18 -5.80
CA LEU A 270 24.82 -8.12 -4.82
C LEU A 270 25.32 -6.84 -5.49
N PHE A 271 26.14 -6.94 -6.54
CA PHE A 271 26.69 -5.77 -7.23
C PHE A 271 25.61 -4.86 -7.82
N GLU A 272 24.64 -5.41 -8.57
CA GLU A 272 23.60 -4.61 -9.21
C GLU A 272 22.59 -4.05 -8.16
N ILE A 273 22.38 -4.77 -7.04
CA ILE A 273 21.53 -4.34 -5.92
C ILE A 273 22.11 -3.04 -5.38
N ASN A 274 23.43 -3.03 -5.11
CA ASN A 274 24.17 -1.87 -4.59
C ASN A 274 24.17 -0.69 -5.57
N GLU A 275 24.25 -0.96 -6.89
CA GLU A 275 24.21 0.07 -7.93
C GLU A 275 22.89 0.85 -7.86
N ALA A 276 21.75 0.11 -7.83
CA ALA A 276 20.39 0.66 -7.72
C ALA A 276 20.21 1.38 -6.39
N ALA A 277 20.75 0.80 -5.29
CA ALA A 277 20.70 1.37 -3.95
C ALA A 277 21.36 2.76 -3.89
N GLN A 278 22.57 2.90 -4.47
CA GLN A 278 23.29 4.18 -4.45
C GLN A 278 22.66 5.20 -5.38
N LEU A 279 22.02 4.74 -6.47
CA LEU A 279 21.32 5.61 -7.41
C LEU A 279 20.13 6.28 -6.70
N VAL A 280 19.37 5.50 -5.91
CA VAL A 280 18.22 6.01 -5.15
C VAL A 280 18.75 6.93 -4.03
N ALA A 281 19.80 6.50 -3.30
CA ALA A 281 20.44 7.28 -2.24
C ALA A 281 20.96 8.64 -2.73
N ASN A 282 21.51 8.70 -3.97
CA ASN A 282 22.05 9.92 -4.60
C ASN A 282 20.96 10.95 -4.92
N SER A 283 19.72 10.46 -5.15
CA SER A 283 18.57 11.29 -5.48
C SER A 283 17.91 11.85 -4.22
N ALA A 284 17.95 11.09 -3.11
CA ALA A 284 17.39 11.49 -1.83
C ALA A 284 18.26 12.55 -1.15
N ALA A 285 17.71 13.24 -0.13
CA ALA A 285 18.42 14.24 0.65
C ALA A 285 19.57 13.59 1.43
N ALA A 286 20.68 14.31 1.65
CA ALA A 286 21.85 13.82 2.37
C ALA A 286 21.51 13.43 3.83
N GLU A 287 20.55 14.13 4.43
CA GLU A 287 20.13 13.90 5.82
C GLU A 287 19.00 12.85 5.94
N ALA A 288 18.52 12.29 4.81
CA ALA A 288 17.44 11.30 4.79
C ALA A 288 17.86 9.94 5.33
N ASN A 289 16.90 9.23 5.94
CA ASN A 289 17.07 7.87 6.42
C ASN A 289 16.71 6.94 5.27
N ILE A 290 17.70 6.16 4.77
CA ILE A 290 17.45 5.24 3.65
C ILE A 290 17.50 3.80 4.13
N ILE A 291 16.41 3.08 3.93
CA ILE A 291 16.28 1.66 4.27
C ILE A 291 15.97 0.93 2.98
N PHE A 292 16.70 -0.15 2.71
CA PHE A 292 16.47 -0.90 1.48
C PHE A 292 16.59 -2.38 1.74
N GLY A 293 15.82 -3.14 0.97
CA GLY A 293 15.82 -4.59 1.02
C GLY A 293 15.74 -5.14 -0.39
N ALA A 294 16.21 -6.37 -0.56
CA ALA A 294 16.16 -7.06 -1.86
C ALA A 294 15.61 -8.47 -1.64
N VAL A 295 14.71 -8.90 -2.52
CA VAL A 295 14.09 -10.22 -2.41
C VAL A 295 14.11 -10.94 -3.77
N ILE A 296 14.20 -12.27 -3.72
CA ILE A 296 14.20 -13.09 -4.91
C ILE A 296 12.79 -13.65 -5.13
N ASP A 297 12.28 -13.45 -6.35
CA ASP A 297 11.04 -13.98 -6.89
C ASP A 297 11.46 -14.70 -8.15
N ASP A 298 11.71 -16.02 -8.03
CA ASP A 298 12.20 -16.90 -9.10
C ASP A 298 11.38 -16.81 -10.40
N ALA A 299 10.09 -16.39 -10.31
CA ALA A 299 9.19 -16.22 -11.46
C ALA A 299 9.58 -15.05 -12.37
N LEU A 300 10.39 -14.08 -11.87
CA LEU A 300 10.79 -12.88 -12.60
C LEU A 300 11.76 -13.10 -13.77
N GLY A 301 12.66 -14.07 -13.64
CA GLY A 301 13.64 -14.37 -14.68
C GLY A 301 14.73 -13.32 -14.82
N ASP A 302 14.82 -12.67 -16.00
CA ASP A 302 15.82 -11.63 -16.24
C ASP A 302 15.24 -10.22 -15.99
N GLU A 303 14.16 -10.14 -15.21
CA GLU A 303 13.50 -8.90 -14.88
C GLU A 303 13.83 -8.44 -13.44
N VAL A 304 14.04 -7.13 -13.27
CA VAL A 304 14.27 -6.50 -11.99
C VAL A 304 13.16 -5.46 -11.80
N ARG A 305 12.46 -5.52 -10.65
CA ARG A 305 11.39 -4.60 -10.30
C ARG A 305 11.82 -3.76 -9.11
N VAL A 306 11.66 -2.43 -9.22
CA VAL A 306 12.04 -1.52 -8.15
C VAL A 306 10.80 -0.72 -7.68
N THR A 307 10.65 -0.60 -6.35
CA THR A 307 9.60 0.19 -5.72
C THR A 307 10.29 1.16 -4.76
N VAL A 308 10.00 2.46 -4.91
CA VAL A 308 10.54 3.51 -4.03
C VAL A 308 9.37 4.13 -3.28
N ILE A 309 9.51 4.32 -1.97
CA ILE A 309 8.51 5.02 -1.18
C ILE A 309 9.22 6.16 -0.48
N ALA A 310 8.86 7.40 -0.83
CA ALA A 310 9.41 8.63 -0.23
C ALA A 310 8.40 9.15 0.81
N ALA A 311 8.77 9.10 2.10
CA ALA A 311 7.89 9.47 3.21
C ALA A 311 8.42 10.61 4.09
N GLY A 312 7.51 11.50 4.48
CA GLY A 312 7.80 12.63 5.37
C GLY A 312 8.25 13.86 4.61
N PHE A 313 7.37 14.88 4.52
CA PHE A 313 7.66 16.12 3.82
C PHE A 313 7.21 17.35 4.63
MG MG B . 8.49 -10.62 5.40
MG MG C . -11.83 -15.79 -5.97
MG MG D . -2.56 -16.47 3.67
MG MG E . -24.31 -5.40 11.94
CL CL F . 2.26 -16.86 4.50
CL CL G . -29.05 -1.52 11.59
S SO4 H . -16.94 2.28 -2.16
O1 SO4 H . -15.94 2.74 -1.22
O2 SO4 H . -16.35 2.43 -3.46
O3 SO4 H . -17.31 0.89 -1.90
O4 SO4 H . -18.12 3.11 -2.04
#